data_7CTP
#
_entry.id   7CTP
#
_cell.length_a   55.559
_cell.length_b   56.283
_cell.length_c   201.007
_cell.angle_alpha   90.000
_cell.angle_beta   90.000
_cell.angle_gamma   90.000
#
_symmetry.space_group_name_H-M   'P 21 21 21'
#
loop_
_entity.id
_entity.type
_entity.pdbx_description
1 polymer 'Protein Niban 2'
2 non-polymer GLYCEROL
3 water water
#
_entity_poly.entity_id   1
_entity_poly.type   'polypeptide(L)'
_entity_poly.pdbx_seq_one_letter_code
;GDVLSTHLDDARRQHIAEKTGKILTEFLQFYEDQYGVALFNSMRHEIEGTGLPQAQLLWRKVPLDERIVFSGNLFQHQED
SKKWRNRFSLVPHNYGLVLYENKAAYERQVPPRAVINSAGYKILTSVDQYLELIGNSLPGTTAKSGSAPILKCPTQFPLI
LWHPYARHYYFCMMTEAEQDKWQAVLQDCIRHCNNGIPEDSKVEGPAFTDAIRMYRQSKELYGTWEMLCGNEVQILSNLV
MEELGPELKAELGPRLKGKPQERQRQWIQISDAVYHMVYEQAKARFEEVLSKVQQVQPAMQAVIRTDMDQIITSKEHLAS
KIRAFILPKAEVCVRNHVQPYIPSILEALMVPTSQGFTEVRDVFFKEVTDMNLNVINEGGIDKLGEYMEKLSRLAYHPLK
MQSCYEKMESLRLDGLQQRFDVSSTSVFKQRAQIHMREQMDNAVYTFETLLHQELGKGPTKEELCKSIQRVLERVLKKYD
YDSSSVRKRFFREALLQISIPFLLKKLAPTCKSELPRFQELIFEDFARFILVENTYEEVVLQTVMKDILQAVKEAAVQR
;
_entity_poly.pdbx_strand_id   A
#
# COMPACT_ATOMS: atom_id res chain seq x y z
N GLY A 1 -16.25 36.16 9.04
CA GLY A 1 -15.69 35.52 7.86
C GLY A 1 -15.96 34.02 7.80
N ASP A 2 -15.50 33.40 6.72
CA ASP A 2 -15.73 31.98 6.50
C ASP A 2 -14.94 31.15 7.52
N VAL A 3 -15.13 29.84 7.44
CA VAL A 3 -14.59 28.95 8.46
C VAL A 3 -13.06 28.95 8.43
N LEU A 4 -12.48 28.96 7.22
CA LEU A 4 -11.03 28.87 7.10
C LEU A 4 -10.37 30.18 7.49
N SER A 5 -10.95 31.32 7.10
CA SER A 5 -10.34 32.60 7.43
C SER A 5 -10.44 32.86 8.92
N THR A 6 -11.48 32.34 9.57
CA THR A 6 -11.67 32.55 11.00
C THR A 6 -10.74 31.68 11.82
N HIS A 7 -10.70 30.39 11.54
CA HIS A 7 -10.02 29.45 12.41
C HIS A 7 -8.62 29.07 11.93
N LEU A 8 -8.32 29.23 10.66
CA LEU A 8 -6.94 29.07 10.23
C LEU A 8 -6.35 30.41 9.83
N ASP A 9 -6.36 31.38 10.75
CA ASP A 9 -5.72 32.65 10.48
C ASP A 9 -4.20 32.48 10.46
N ASP A 10 -3.50 33.58 10.15
CA ASP A 10 -2.04 33.48 9.99
C ASP A 10 -1.37 32.97 11.25
N ALA A 11 -1.84 33.41 12.43
CA ALA A 11 -1.20 32.98 13.67
C ALA A 11 -1.34 31.48 13.87
N ARG A 12 -2.56 30.97 13.64
CA ARG A 12 -2.80 29.55 13.82
C ARG A 12 -2.03 28.73 12.78
N ARG A 13 -1.99 29.20 11.54
CA ARG A 13 -1.20 28.49 10.54
C ARG A 13 0.28 28.47 10.92
N GLN A 14 0.78 29.56 11.53
CA GLN A 14 2.20 29.55 11.91
C GLN A 14 2.45 28.54 13.03
N HIS A 15 1.53 28.45 13.98
CA HIS A 15 1.68 27.46 15.05
C HIS A 15 1.67 26.05 14.48
N ILE A 16 0.75 25.78 13.54
CA ILE A 16 0.68 24.45 12.96
C ILE A 16 1.97 24.13 12.20
N ALA A 17 2.48 25.12 11.45
CA ALA A 17 3.72 24.89 10.70
C ALA A 17 4.88 24.60 11.63
N GLU A 18 4.92 25.29 12.78
CA GLU A 18 5.98 25.05 13.75
C GLU A 18 5.92 23.64 14.29
N LYS A 19 4.72 23.19 14.68
CA LYS A 19 4.57 21.83 15.18
C LYS A 19 4.87 20.81 14.10
N THR A 20 4.44 21.07 12.87
CA THR A 20 4.75 20.19 11.74
C THR A 20 6.25 20.09 11.52
N GLY A 21 6.95 21.23 11.61
CA GLY A 21 8.38 21.23 11.38
C GLY A 21 9.13 20.42 12.41
N LYS A 22 8.67 20.46 13.66
CA LYS A 22 9.30 19.66 14.72
C LYS A 22 9.10 18.17 14.48
N ILE A 23 7.90 17.78 14.04
CA ILE A 23 7.66 16.37 13.69
C ILE A 23 8.53 15.94 12.52
N LEU A 24 8.61 16.78 11.48
CA LEU A 24 9.41 16.39 10.32
C LEU A 24 10.87 16.26 10.67
N THR A 25 11.40 17.16 11.52
CA THR A 25 12.79 17.07 11.95
C THR A 25 13.06 15.75 12.66
N GLU A 26 12.18 15.36 13.59
CA GLU A 26 12.38 14.11 14.30
C GLU A 26 12.29 12.92 13.36
N PHE A 27 11.28 12.91 12.47
CA PHE A 27 11.19 11.84 11.48
C PHE A 27 12.44 11.75 10.63
N LEU A 28 12.92 12.90 10.13
CA LEU A 28 14.03 12.85 9.20
C LEU A 28 15.31 12.36 9.85
N GLN A 29 15.45 12.55 11.17
CA GLN A 29 16.58 11.94 11.88
C GLN A 29 16.49 10.42 11.84
N PHE A 30 15.29 9.86 12.08
CA PHE A 30 15.10 8.42 11.90
C PHE A 30 15.40 8.00 10.47
N TYR A 31 14.99 8.81 9.49
CA TYR A 31 15.18 8.44 8.09
C TYR A 31 16.66 8.42 7.71
N GLU A 32 17.41 9.47 8.06
CA GLU A 32 18.83 9.49 7.74
C GLU A 32 19.57 8.35 8.45
N ASP A 33 19.17 8.02 9.67
CA ASP A 33 19.77 6.88 10.36
C ASP A 33 19.44 5.58 9.62
N GLN A 34 18.19 5.42 9.18
CA GLN A 34 17.79 4.17 8.51
C GLN A 34 18.44 4.03 7.13
N TYR A 35 18.76 5.14 6.46
CA TYR A 35 19.12 5.07 5.05
C TYR A 35 20.34 4.18 4.84
N GLY A 36 21.39 4.39 5.64
CA GLY A 36 22.59 3.61 5.45
C GLY A 36 22.42 2.14 5.82
N VAL A 37 21.51 1.86 6.75
CA VAL A 37 21.23 0.47 7.10
C VAL A 37 20.53 -0.23 5.94
N ALA A 38 19.52 0.44 5.36
CA ALA A 38 18.85 -0.11 4.18
C ALA A 38 19.82 -0.32 3.04
N LEU A 39 20.75 0.62 2.84
CA LEU A 39 21.76 0.49 1.79
C LEU A 39 22.65 -0.71 2.05
N PHE A 40 23.14 -0.85 3.28
CA PHE A 40 23.98 -1.99 3.61
C PHE A 40 23.25 -3.32 3.38
N ASN A 41 21.99 -3.41 3.83
CA ASN A 41 21.26 -4.68 3.69
C ASN A 41 21.06 -5.03 2.22
N SER A 42 20.76 -4.05 1.38
CA SER A 42 20.54 -4.30 -0.03
C SER A 42 21.85 -4.70 -0.70
N MET A 43 22.93 -3.99 -0.37
CA MET A 43 24.21 -4.33 -0.98
C MET A 43 24.70 -5.70 -0.50
N ARG A 44 24.43 -6.05 0.76
CA ARG A 44 24.85 -7.36 1.23
C ARG A 44 24.14 -8.47 0.44
N HIS A 45 22.84 -8.28 0.18
CA HIS A 45 22.08 -9.25 -0.59
C HIS A 45 22.65 -9.41 -2.00
N GLU A 46 22.95 -8.28 -2.66
CA GLU A 46 23.46 -8.35 -4.03
C GLU A 46 24.84 -8.99 -4.07
N ILE A 47 25.74 -8.53 -3.19
CA ILE A 47 27.13 -8.97 -3.23
C ILE A 47 27.25 -10.44 -2.83
N GLU A 48 26.47 -10.87 -1.84
CA GLU A 48 26.49 -12.27 -1.44
C GLU A 48 25.57 -13.13 -2.29
N GLY A 49 24.79 -12.53 -3.18
CA GLY A 49 23.91 -13.29 -4.05
C GLY A 49 22.73 -13.94 -3.34
N THR A 50 22.23 -13.32 -2.27
CA THR A 50 21.17 -13.90 -1.47
C THR A 50 19.83 -13.17 -1.62
N GLY A 51 19.66 -12.42 -2.69
CA GLY A 51 18.40 -11.77 -2.94
C GLY A 51 17.33 -12.76 -3.36
N LEU A 52 16.17 -12.22 -3.69
CA LEU A 52 15.05 -13.05 -4.14
C LEU A 52 15.45 -13.81 -5.40
N PRO A 53 15.13 -15.10 -5.49
CA PRO A 53 15.42 -15.84 -6.73
C PRO A 53 14.64 -15.27 -7.89
N GLN A 54 15.13 -15.56 -9.10
CA GLN A 54 14.45 -15.11 -10.31
C GLN A 54 13.09 -15.80 -10.43
N ALA A 55 12.11 -15.05 -10.90
CA ALA A 55 10.78 -15.60 -11.11
C ALA A 55 10.77 -16.47 -12.36
N GLN A 56 9.76 -17.33 -12.46
CA GLN A 56 9.57 -18.14 -13.65
C GLN A 56 8.83 -17.36 -14.73
N LEU A 57 7.83 -16.58 -14.34
CA LEU A 57 7.16 -15.71 -15.30
C LEU A 57 8.06 -14.55 -15.65
N LEU A 58 7.85 -14.01 -16.85
CA LEU A 58 8.53 -12.79 -17.24
C LEU A 58 7.76 -11.59 -16.69
N TRP A 59 8.47 -10.48 -16.51
CA TRP A 59 7.89 -9.24 -16.03
C TRP A 59 7.98 -8.18 -17.13
N ARG A 60 6.87 -7.48 -17.36
CA ARG A 60 6.80 -6.43 -18.36
C ARG A 60 7.83 -5.35 -18.05
N LYS A 61 8.57 -4.91 -19.07
CA LYS A 61 9.68 -3.98 -18.86
C LYS A 61 9.32 -2.54 -19.20
N VAL A 62 8.38 -2.33 -20.12
CA VAL A 62 7.88 -1.00 -20.47
C VAL A 62 6.40 -0.99 -20.12
N PRO A 63 5.85 0.11 -19.61
CA PRO A 63 4.40 0.13 -19.33
C PRO A 63 3.59 -0.07 -20.60
N LEU A 64 2.35 -0.51 -20.40
CA LEU A 64 1.41 -0.55 -21.50
C LEU A 64 1.25 0.84 -22.07
N ASP A 65 0.92 0.90 -23.36
CA ASP A 65 0.53 2.18 -23.97
C ASP A 65 -0.55 2.83 -23.12
N GLU A 66 -0.42 4.14 -22.93
CA GLU A 66 -1.33 4.86 -22.04
C GLU A 66 -2.71 4.95 -22.67
N ARG A 67 -3.72 4.46 -21.96
CA ARG A 67 -5.12 4.55 -22.38
C ARG A 67 -5.95 5.01 -21.19
N ILE A 68 -7.05 5.69 -21.50
CA ILE A 68 -8.01 6.06 -20.47
C ILE A 68 -8.62 4.79 -19.88
N VAL A 69 -8.73 4.73 -18.55
CA VAL A 69 -9.26 3.54 -17.90
C VAL A 69 -10.78 3.50 -18.01
N PHE A 70 -11.44 4.63 -17.78
CA PHE A 70 -12.89 4.68 -17.80
C PHE A 70 -13.33 6.14 -17.78
N SER A 71 -14.54 6.40 -18.28
CA SER A 71 -15.10 7.73 -18.24
C SER A 71 -16.62 7.63 -18.30
N GLY A 72 -17.27 8.68 -17.84
CA GLY A 72 -18.72 8.72 -17.85
C GLY A 72 -19.20 9.94 -17.09
N ASN A 73 -20.49 10.22 -17.23
CA ASN A 73 -21.07 11.36 -16.54
C ASN A 73 -21.51 10.97 -15.14
N LEU A 74 -21.31 11.89 -14.19
CA LEU A 74 -21.69 11.73 -12.80
C LEU A 74 -22.32 13.02 -12.32
N PHE A 75 -23.09 12.94 -11.25
CA PHE A 75 -23.43 14.12 -10.49
C PHE A 75 -22.46 14.26 -9.32
N GLN A 76 -22.01 15.47 -9.06
CA GLN A 76 -21.12 15.76 -7.93
C GLN A 76 -21.67 16.92 -7.12
N HIS A 77 -21.70 16.74 -5.80
CA HIS A 77 -22.06 17.83 -4.91
C HIS A 77 -20.94 18.85 -4.87
N GLN A 78 -21.28 20.14 -5.04
CA GLN A 78 -20.31 21.22 -5.07
C GLN A 78 -20.23 21.87 -3.69
N GLU A 79 -19.03 21.94 -3.13
CA GLU A 79 -18.84 22.43 -1.76
C GLU A 79 -19.23 23.90 -1.65
N ASP A 80 -18.91 24.70 -2.67
CA ASP A 80 -19.12 26.15 -2.54
C ASP A 80 -20.60 26.49 -2.65
N SER A 81 -21.28 25.97 -3.66
CA SER A 81 -22.67 26.34 -3.93
C SER A 81 -23.69 25.44 -3.22
N LYS A 82 -23.25 24.29 -2.71
CA LYS A 82 -24.14 23.26 -2.14
C LYS A 82 -25.12 22.72 -3.17
N LYS A 83 -24.79 22.84 -4.46
CA LYS A 83 -25.63 22.37 -5.56
C LYS A 83 -24.99 21.18 -6.25
N TRP A 84 -25.82 20.26 -6.72
CA TRP A 84 -25.33 19.12 -7.49
C TRP A 84 -25.21 19.51 -8.97
N ARG A 85 -24.06 19.20 -9.56
CA ARG A 85 -23.79 19.51 -10.96
C ARG A 85 -23.34 18.25 -11.67
N ASN A 86 -23.77 18.10 -12.92
CA ASN A 86 -23.17 17.06 -13.76
C ASN A 86 -21.69 17.33 -13.89
N ARG A 87 -20.91 16.25 -13.95
CA ARG A 87 -19.49 16.34 -14.24
C ARG A 87 -19.11 15.18 -15.14
N PHE A 88 -18.35 15.47 -16.19
CA PHE A 88 -17.71 14.41 -16.96
C PHE A 88 -16.50 13.94 -16.18
N SER A 89 -16.50 12.67 -15.79
CA SER A 89 -15.50 12.13 -14.89
C SER A 89 -14.66 11.12 -15.65
N LEU A 90 -13.34 11.27 -15.58
CA LEU A 90 -12.41 10.49 -16.39
C LEU A 90 -11.32 9.92 -15.50
N VAL A 91 -10.98 8.65 -15.73
CA VAL A 91 -9.87 8.02 -15.04
C VAL A 91 -8.75 7.78 -16.03
N PRO A 92 -7.67 8.57 -15.99
CA PRO A 92 -6.56 8.35 -16.93
C PRO A 92 -5.75 7.10 -16.65
N HIS A 93 -4.73 6.87 -17.48
CA HIS A 93 -3.85 5.71 -17.36
C HIS A 93 -3.26 5.56 -15.96
N ASN A 94 -3.08 6.67 -15.24
CA ASN A 94 -2.42 6.63 -13.94
C ASN A 94 -3.40 6.64 -12.78
N TYR A 95 -4.69 6.42 -13.03
CA TYR A 95 -5.70 6.17 -12.00
C TYR A 95 -5.98 7.41 -11.13
N GLY A 96 -5.69 8.60 -11.64
CA GLY A 96 -6.29 9.77 -11.06
C GLY A 96 -7.77 9.82 -11.38
N LEU A 97 -8.51 10.62 -10.63
CA LEU A 97 -9.92 10.85 -10.90
C LEU A 97 -10.05 12.30 -11.35
N VAL A 98 -10.40 12.52 -12.62
CA VAL A 98 -10.38 13.84 -13.24
C VAL A 98 -11.81 14.25 -13.58
N LEU A 99 -12.22 15.41 -13.09
CA LEU A 99 -13.59 15.90 -13.26
C LEU A 99 -13.59 17.15 -14.13
N TYR A 100 -14.36 17.11 -15.22
CA TYR A 100 -14.59 18.26 -16.10
C TYR A 100 -16.03 18.72 -15.96
N GLU A 101 -16.29 19.97 -16.37
CA GLU A 101 -17.64 20.51 -16.28
C GLU A 101 -18.63 19.64 -17.05
N ASN A 102 -18.28 19.30 -18.28
CA ASN A 102 -19.03 18.34 -19.08
C ASN A 102 -18.08 17.78 -20.13
N LYS A 103 -18.57 16.82 -20.90
CA LYS A 103 -17.73 16.19 -21.91
C LYS A 103 -17.42 17.15 -23.05
N ALA A 104 -18.35 18.04 -23.39
CA ALA A 104 -18.09 19.03 -24.42
C ALA A 104 -16.94 19.94 -24.02
N ALA A 105 -16.87 20.33 -22.74
CA ALA A 105 -15.74 21.11 -22.27
C ALA A 105 -14.45 20.30 -22.36
N TYR A 106 -14.55 18.99 -22.12
CA TYR A 106 -13.36 18.14 -22.25
C TYR A 106 -12.86 18.10 -23.69
N GLU A 107 -13.79 18.08 -24.66
CA GLU A 107 -13.40 17.94 -26.06
C GLU A 107 -12.71 19.20 -26.56
N ARG A 108 -13.14 20.37 -26.08
CA ARG A 108 -12.51 21.65 -26.38
C ARG A 108 -11.19 21.84 -25.64
N GLN A 109 -10.72 20.82 -24.92
CA GLN A 109 -9.48 20.88 -24.15
C GLN A 109 -9.52 21.94 -23.05
N VAL A 110 -10.68 22.08 -22.42
CA VAL A 110 -10.79 22.95 -21.25
C VAL A 110 -10.12 22.27 -20.05
N PRO A 111 -9.45 23.01 -19.18
CA PRO A 111 -8.84 22.42 -17.98
C PRO A 111 -9.86 21.63 -17.16
N PRO A 112 -9.41 20.62 -16.41
CA PRO A 112 -10.31 19.95 -15.48
C PRO A 112 -10.60 20.82 -14.27
N ARG A 113 -11.77 20.57 -13.67
CA ARG A 113 -12.15 21.26 -12.45
C ARG A 113 -11.47 20.67 -11.21
N ALA A 114 -10.98 19.43 -11.29
CA ALA A 114 -10.37 18.76 -10.16
C ALA A 114 -9.57 17.57 -10.69
N VAL A 115 -8.45 17.27 -10.03
CA VAL A 115 -7.64 16.08 -10.30
C VAL A 115 -7.35 15.43 -8.96
N ILE A 116 -7.90 14.24 -8.73
CA ILE A 116 -7.94 13.62 -7.40
C ILE A 116 -7.05 12.38 -7.36
N ASN A 117 -6.09 12.38 -6.45
CA ASN A 117 -5.36 11.17 -6.07
C ASN A 117 -6.05 10.57 -4.86
N SER A 118 -6.52 9.33 -4.97
CA SER A 118 -7.41 8.76 -3.96
C SER A 118 -6.69 7.89 -2.92
N ALA A 119 -5.38 8.05 -2.76
CA ALA A 119 -4.69 7.30 -1.72
C ALA A 119 -5.31 7.61 -0.36
N GLY A 120 -5.54 6.55 0.43
CA GLY A 120 -6.06 6.71 1.77
C GLY A 120 -7.57 6.88 1.85
N TYR A 121 -8.27 6.86 0.72
CA TYR A 121 -9.71 7.03 0.70
C TYR A 121 -10.42 5.70 0.89
N LYS A 122 -11.70 5.80 1.29
CA LYS A 122 -12.63 4.67 1.37
C LYS A 122 -13.91 5.07 0.66
N ILE A 123 -14.61 4.09 0.06
CA ILE A 123 -15.86 4.34 -0.65
C ILE A 123 -17.04 3.94 0.20
N LEU A 124 -18.04 4.81 0.28
CA LEU A 124 -19.32 4.49 0.92
C LEU A 124 -20.41 4.56 -0.14
N THR A 125 -21.38 3.63 -0.06
CA THR A 125 -22.46 3.62 -1.04
C THR A 125 -23.80 4.02 -0.42
N SER A 126 -23.80 4.66 0.74
CA SER A 126 -25.03 5.22 1.27
C SER A 126 -24.69 6.43 2.14
N VAL A 127 -25.59 7.41 2.12
CA VAL A 127 -25.38 8.60 2.93
C VAL A 127 -25.34 8.24 4.40
N ASP A 128 -26.19 7.30 4.84
CA ASP A 128 -26.24 6.98 6.25
C ASP A 128 -24.93 6.35 6.71
N GLN A 129 -24.37 5.46 5.89
CA GLN A 129 -23.06 4.89 6.20
C GLN A 129 -22.01 5.98 6.40
N TYR A 130 -22.06 7.01 5.55
CA TYR A 130 -21.10 8.10 5.64
C TYR A 130 -21.32 8.93 6.90
N LEU A 131 -22.57 9.27 7.19
CA LEU A 131 -22.87 10.04 8.39
C LEU A 131 -22.50 9.26 9.65
N GLU A 132 -22.64 7.94 9.62
CA GLU A 132 -22.24 7.12 10.76
C GLU A 132 -20.73 7.18 10.95
N LEU A 133 -19.99 7.16 9.84
CA LEU A 133 -18.52 7.17 9.91
C LEU A 133 -17.99 8.49 10.47
N ILE A 134 -18.62 9.62 10.12
CA ILE A 134 -18.16 10.91 10.64
C ILE A 134 -18.89 11.33 11.91
N GLY A 135 -19.83 10.52 12.40
CA GLY A 135 -20.70 10.98 13.46
C GLY A 135 -19.98 11.31 14.76
N ASN A 136 -18.90 10.61 15.06
CA ASN A 136 -18.15 10.83 16.29
C ASN A 136 -16.81 11.51 16.04
N SER A 137 -16.71 12.24 14.93
CA SER A 137 -15.48 12.97 14.65
C SER A 137 -15.29 14.13 15.61
N LEU A 138 -16.36 14.62 16.23
CA LEU A 138 -16.27 15.59 17.30
C LEU A 138 -16.90 15.00 18.56
N PRO A 139 -16.37 15.30 19.74
CA PRO A 139 -16.77 14.56 20.94
C PRO A 139 -18.12 14.99 21.47
N GLY A 140 -18.72 14.11 22.27
CA GLY A 140 -19.92 14.40 23.02
C GLY A 140 -21.20 14.39 22.22
N THR A 141 -21.18 13.86 20.99
CA THR A 141 -22.31 13.97 20.09
C THR A 141 -23.55 13.29 20.66
N THR A 142 -23.39 12.10 21.19
CA THR A 142 -24.53 11.33 21.69
C THR A 142 -24.85 11.63 23.14
N ALA A 143 -24.05 12.47 23.79
CA ALA A 143 -24.24 12.79 25.22
C ALA A 143 -25.16 14.00 25.38
N LYS A 144 -26.42 13.79 25.00
CA LYS A 144 -27.42 14.86 25.07
C LYS A 144 -27.96 15.01 26.49
N LEU A 151 -26.83 16.35 3.89
CA LEU A 151 -26.42 15.77 2.62
C LEU A 151 -27.56 14.92 2.02
N LYS A 152 -28.06 15.36 0.86
CA LYS A 152 -29.24 14.76 0.23
C LYS A 152 -29.02 14.70 -1.27
N CYS A 153 -29.09 13.49 -1.85
CA CYS A 153 -28.67 13.25 -3.23
C CYS A 153 -29.85 13.21 -4.20
N PRO A 154 -29.65 13.67 -5.43
CA PRO A 154 -30.75 13.65 -6.43
C PRO A 154 -31.12 12.27 -6.93
N THR A 155 -30.31 11.25 -6.68
CA THR A 155 -30.63 9.88 -7.06
C THR A 155 -30.48 8.97 -5.85
N GLN A 156 -30.91 7.72 -6.03
CA GLN A 156 -30.84 6.71 -4.98
C GLN A 156 -29.53 5.93 -4.97
N PHE A 157 -28.54 6.35 -5.75
CA PHE A 157 -27.31 5.58 -5.92
C PHE A 157 -26.10 6.47 -5.70
N PRO A 158 -25.79 6.78 -4.45
CA PRO A 158 -24.64 7.63 -4.17
C PRO A 158 -23.35 6.83 -4.11
N LEU A 159 -22.24 7.55 -4.28
CA LEU A 159 -20.89 7.04 -4.05
C LEU A 159 -20.12 8.17 -3.38
N ILE A 160 -19.63 7.94 -2.17
CA ILE A 160 -18.97 8.97 -1.37
C ILE A 160 -17.55 8.54 -1.12
N LEU A 161 -16.60 9.45 -1.33
CA LEU A 161 -15.19 9.22 -1.04
C LEU A 161 -14.83 9.91 0.27
N TRP A 162 -14.44 9.12 1.27
CA TRP A 162 -14.03 9.60 2.58
C TRP A 162 -12.53 9.40 2.78
N HIS A 163 -11.90 10.33 3.49
CA HIS A 163 -10.49 10.26 3.86
C HIS A 163 -10.39 10.77 5.29
N PRO A 164 -9.51 10.20 6.13
CA PRO A 164 -9.50 10.66 7.54
C PRO A 164 -9.12 12.11 7.70
N TYR A 165 -8.35 12.69 6.76
CA TYR A 165 -7.79 14.05 6.91
C TYR A 165 -8.10 14.97 5.74
N ALA A 166 -8.21 14.45 4.51
CA ALA A 166 -8.40 15.28 3.34
C ALA A 166 -9.90 15.44 3.05
N ARG A 167 -10.23 16.20 2.00
CA ARG A 167 -11.64 16.53 1.82
C ARG A 167 -12.40 15.32 1.31
N HIS A 168 -13.71 15.36 1.50
CA HIS A 168 -14.58 14.27 1.09
C HIS A 168 -15.30 14.69 -0.18
N TYR A 169 -15.59 13.71 -1.02
CA TYR A 169 -16.26 13.93 -2.30
C TYR A 169 -17.58 13.17 -2.32
N TYR A 170 -18.60 13.80 -2.89
CA TYR A 170 -19.95 13.24 -2.91
C TYR A 170 -20.43 13.16 -4.35
N PHE A 171 -20.68 11.94 -4.81
CA PHE A 171 -21.16 11.67 -6.16
C PHE A 171 -22.49 10.92 -6.08
N CYS A 172 -23.28 10.98 -7.15
CA CYS A 172 -24.34 9.99 -7.28
C CYS A 172 -24.51 9.66 -8.77
N MET A 173 -25.10 8.49 -9.00
CA MET A 173 -25.31 7.95 -10.33
C MET A 173 -26.80 7.69 -10.52
N MET A 174 -27.17 7.54 -11.79
CA MET A 174 -28.58 7.43 -12.14
C MET A 174 -29.11 6.02 -11.94
N THR A 175 -28.26 5.01 -12.08
CA THR A 175 -28.66 3.62 -12.03
C THR A 175 -27.74 2.83 -11.11
N GLU A 176 -28.27 1.76 -10.53
CA GLU A 176 -27.43 0.84 -9.76
C GLU A 176 -26.31 0.29 -10.61
N ALA A 177 -26.52 0.13 -11.92
CA ALA A 177 -25.49 -0.37 -12.80
C ALA A 177 -24.31 0.59 -12.87
N GLU A 178 -24.60 1.89 -12.97
CA GLU A 178 -23.52 2.88 -13.02
C GLU A 178 -22.80 2.95 -11.68
N GLN A 179 -23.56 2.88 -10.58
CA GLN A 179 -22.99 2.86 -9.24
C GLN A 179 -22.01 1.70 -9.08
N ASP A 180 -22.40 0.50 -9.51
CA ASP A 180 -21.55 -0.68 -9.36
C ASP A 180 -20.29 -0.55 -10.19
N LYS A 181 -20.40 0.02 -11.39
CA LYS A 181 -19.23 0.18 -12.25
C LYS A 181 -18.26 1.19 -11.65
N TRP A 182 -18.78 2.33 -11.23
CA TRP A 182 -17.91 3.37 -10.68
C TRP A 182 -17.32 2.93 -9.34
N GLN A 183 -18.03 2.09 -8.57
CA GLN A 183 -17.46 1.58 -7.34
C GLN A 183 -16.25 0.70 -7.61
N ALA A 184 -16.33 -0.15 -8.64
CA ALA A 184 -15.19 -0.99 -8.99
C ALA A 184 -14.02 -0.15 -9.49
N VAL A 185 -14.30 0.81 -10.36
CA VAL A 185 -13.25 1.65 -10.93
C VAL A 185 -12.59 2.48 -9.84
N LEU A 186 -13.39 3.08 -8.95
CA LEU A 186 -12.80 3.90 -7.89
C LEU A 186 -12.05 3.05 -6.88
N GLN A 187 -12.53 1.81 -6.62
CA GLN A 187 -11.75 0.88 -5.80
C GLN A 187 -10.39 0.62 -6.44
N ASP A 188 -10.35 0.45 -7.76
CA ASP A 188 -9.08 0.28 -8.47
C ASP A 188 -8.20 1.51 -8.33
N CYS A 189 -8.80 2.70 -8.45
CA CYS A 189 -8.06 3.95 -8.26
C CYS A 189 -7.39 4.00 -6.89
N ILE A 190 -8.16 3.71 -5.84
CA ILE A 190 -7.64 3.77 -4.47
C ILE A 190 -6.51 2.77 -4.30
N ARG A 191 -6.72 1.54 -4.76
CA ARG A 191 -5.69 0.50 -4.61
C ARG A 191 -4.41 0.91 -5.34
N HIS A 192 -4.56 1.48 -6.53
CA HIS A 192 -3.40 1.90 -7.32
C HIS A 192 -2.65 3.04 -6.63
N CYS A 193 -3.39 4.07 -6.20
CA CYS A 193 -2.74 5.20 -5.52
C CYS A 193 -2.15 4.82 -4.17
N ASN A 194 -2.75 3.86 -3.47
CA ASN A 194 -2.19 3.40 -2.20
C ASN A 194 -0.82 2.76 -2.40
N ASN A 195 -0.62 2.11 -3.54
CA ASN A 195 0.63 1.39 -3.86
C ASN A 195 1.68 2.37 -4.38
N GLY A 196 2.00 3.35 -3.54
CA GLY A 196 2.79 4.48 -3.96
C GLY A 196 4.28 4.35 -3.81
N ILE A 197 4.75 3.33 -3.11
CA ILE A 197 6.20 3.09 -2.96
C ILE A 197 6.50 1.72 -3.55
N PRO A 198 7.24 1.63 -4.65
CA PRO A 198 7.49 0.33 -5.30
C PRO A 198 8.05 -0.69 -4.32
N GLU A 199 7.42 -1.89 -4.30
CA GLU A 199 7.84 -2.92 -3.36
C GLU A 199 9.25 -3.44 -3.64
N ASP A 200 9.73 -3.31 -4.87
CA ASP A 200 11.09 -3.72 -5.18
C ASP A 200 12.06 -2.55 -5.18
N SER A 201 11.69 -1.43 -4.56
CA SER A 201 12.67 -0.41 -4.23
C SER A 201 13.74 -1.02 -3.32
N LYS A 202 15.00 -0.86 -3.71
CA LYS A 202 16.05 -1.53 -2.98
C LYS A 202 16.38 -0.81 -1.68
N VAL A 203 16.41 0.51 -1.71
CA VAL A 203 16.97 1.26 -0.59
C VAL A 203 15.98 2.29 -0.07
N GLU A 204 15.50 3.17 -0.96
CA GLU A 204 14.66 4.28 -0.53
C GLU A 204 13.37 3.80 0.13
N GLY A 205 12.72 2.80 -0.46
CA GLY A 205 11.49 2.26 0.07
C GLY A 205 11.63 1.71 1.48
N PRO A 206 12.50 0.72 1.67
CA PRO A 206 12.70 0.18 3.03
C PRO A 206 13.18 1.21 4.04
N ALA A 207 14.07 2.13 3.63
CA ALA A 207 14.52 3.16 4.57
C ALA A 207 13.34 4.00 5.02
N PHE A 208 12.47 4.37 4.09
CA PHE A 208 11.34 5.21 4.45
C PHE A 208 10.36 4.47 5.35
N THR A 209 9.96 3.27 4.96
CA THR A 209 8.91 2.61 5.74
C THR A 209 9.42 2.16 7.10
N ASP A 210 10.69 1.74 7.19
CA ASP A 210 11.28 1.44 8.49
C ASP A 210 11.40 2.70 9.34
N ALA A 211 11.75 3.84 8.74
CA ALA A 211 11.83 5.06 9.53
C ALA A 211 10.47 5.46 10.06
N ILE A 212 9.42 5.27 9.26
CA ILE A 212 8.06 5.56 9.71
C ILE A 212 7.73 4.71 10.92
N ARG A 213 8.04 3.41 10.84
CA ARG A 213 7.72 2.50 11.93
C ARG A 213 8.50 2.86 13.18
N MET A 214 9.79 3.19 13.04
CA MET A 214 10.60 3.54 14.21
C MET A 214 10.15 4.83 14.85
N TYR A 215 9.77 5.82 14.05
CA TYR A 215 9.21 7.04 14.61
C TYR A 215 7.94 6.75 15.39
N ARG A 216 7.02 5.97 14.80
CA ARG A 216 5.78 5.65 15.48
C ARG A 216 6.05 4.86 16.77
N GLN A 217 7.00 3.93 16.73
CA GLN A 217 7.37 3.19 17.94
C GLN A 217 7.89 4.13 19.03
N SER A 218 8.58 5.21 18.65
CA SER A 218 9.10 6.15 19.63
C SER A 218 7.97 6.95 20.28
N LYS A 219 6.79 6.97 19.66
CA LYS A 219 5.59 7.55 20.24
C LYS A 219 4.68 6.49 20.85
N GLU A 220 5.24 5.31 21.11
CA GLU A 220 4.54 4.18 21.72
C GLU A 220 3.39 3.68 20.85
N LEU A 221 3.54 3.76 19.53
CA LEU A 221 2.55 3.26 18.57
C LEU A 221 3.13 2.05 17.85
N TYR A 222 2.58 0.87 18.14
CA TYR A 222 3.11 -0.38 17.63
C TYR A 222 2.07 -1.07 16.77
N GLY A 223 2.52 -1.71 15.70
CA GLY A 223 1.65 -2.51 14.87
C GLY A 223 1.35 -1.86 13.54
N THR A 224 0.74 -2.67 12.67
CA THR A 224 0.38 -2.25 11.32
C THR A 224 -0.45 -0.97 11.34
N TRP A 225 -0.05 -0.02 10.49
CA TRP A 225 -0.67 1.30 10.44
C TRP A 225 -1.47 1.42 9.15
N GLU A 226 -2.77 1.63 9.28
CA GLU A 226 -3.66 1.64 8.12
C GLU A 226 -3.30 2.74 7.14
N MET A 227 -2.70 3.82 7.62
CA MET A 227 -2.44 4.98 6.77
C MET A 227 -1.03 4.98 6.21
N LEU A 228 -0.32 3.85 6.27
CA LEU A 228 0.90 3.68 5.49
C LEU A 228 0.50 3.35 4.06
N CYS A 229 -0.11 4.33 3.39
CA CYS A 229 -0.53 4.17 2.00
C CYS A 229 -0.30 5.47 1.26
N GLY A 230 -0.07 5.33 -0.05
CA GLY A 230 0.28 6.45 -0.89
C GLY A 230 1.78 6.55 -1.05
N ASN A 231 2.22 7.69 -1.57
CA ASN A 231 3.64 7.94 -1.74
C ASN A 231 4.23 8.51 -0.45
N GLU A 232 5.53 8.79 -0.48
CA GLU A 232 6.23 9.20 0.74
C GLU A 232 5.62 10.46 1.35
N VAL A 233 5.33 11.46 0.51
CA VAL A 233 4.82 12.72 1.06
C VAL A 233 3.43 12.54 1.64
N GLN A 234 2.59 11.73 0.99
CA GLN A 234 1.26 11.47 1.52
C GLN A 234 1.34 10.77 2.88
N ILE A 235 2.25 9.81 3.00
CA ILE A 235 2.40 9.08 4.26
C ILE A 235 2.92 10.00 5.35
N LEU A 236 3.91 10.84 5.03
CA LEU A 236 4.39 11.81 6.00
C LEU A 236 3.29 12.77 6.41
N SER A 237 2.45 13.18 5.47
CA SER A 237 1.31 14.03 5.81
C SER A 237 0.35 13.31 6.75
N ASN A 238 0.09 12.02 6.49
CA ASN A 238 -0.74 11.23 7.39
C ASN A 238 -0.11 11.15 8.78
N LEU A 239 1.21 10.96 8.84
CA LEU A 239 1.91 10.90 10.13
C LEU A 239 1.70 12.18 10.94
N VAL A 240 1.92 13.33 10.29
CA VAL A 240 1.74 14.62 10.96
C VAL A 240 0.29 14.80 11.40
N MET A 241 -0.68 14.54 10.51
CA MET A 241 -2.08 14.74 10.87
C MET A 241 -2.50 13.83 12.02
N GLU A 242 -2.01 12.59 12.04
CA GLU A 242 -2.34 11.70 13.15
C GLU A 242 -1.88 12.30 14.47
N GLU A 243 -0.70 12.91 14.48
CA GLU A 243 -0.15 13.43 15.72
C GLU A 243 -0.81 14.74 16.12
N LEU A 244 -1.05 15.64 15.16
CA LEU A 244 -1.53 16.98 15.47
C LEU A 244 -3.04 17.08 15.55
N GLY A 245 -3.76 16.18 14.88
CA GLY A 245 -5.21 16.21 14.82
C GLY A 245 -5.93 16.34 16.16
N PRO A 246 -5.61 15.47 17.12
CA PRO A 246 -6.32 15.51 18.41
C PRO A 246 -6.29 16.86 19.10
N GLU A 247 -5.10 17.47 19.26
CA GLU A 247 -5.06 18.74 19.98
C GLU A 247 -5.67 19.86 19.13
N LEU A 248 -5.53 19.80 17.80
CA LEU A 248 -6.18 20.81 16.96
C LEU A 248 -7.69 20.69 17.06
N LYS A 249 -8.20 19.47 17.06
CA LYS A 249 -9.64 19.25 17.25
C LYS A 249 -10.09 19.70 18.63
N ALA A 250 -9.29 19.41 19.66
CA ALA A 250 -9.64 19.82 21.01
C ALA A 250 -9.70 21.33 21.13
N GLU A 251 -8.87 22.05 20.36
CA GLU A 251 -8.83 23.50 20.47
C GLU A 251 -9.92 24.16 19.63
N LEU A 252 -10.09 23.70 18.38
CA LEU A 252 -11.01 24.35 17.47
C LEU A 252 -12.44 23.85 17.58
N GLY A 253 -12.63 22.59 17.98
CA GLY A 253 -13.94 21.99 18.08
C GLY A 253 -14.94 22.85 18.84
N PRO A 254 -14.59 23.28 20.06
CA PRO A 254 -15.51 24.11 20.84
C PRO A 254 -15.79 25.47 20.22
N ARG A 255 -15.02 25.89 19.22
CA ARG A 255 -15.26 27.15 18.54
C ARG A 255 -16.19 27.03 17.35
N LEU A 256 -16.51 25.81 16.92
CA LEU A 256 -17.40 25.60 15.79
C LEU A 256 -18.85 25.76 16.23
N LYS A 257 -19.64 26.44 15.39
CA LYS A 257 -21.03 26.76 15.69
C LYS A 257 -21.96 25.99 14.75
N GLY A 258 -23.06 25.47 15.30
CA GLY A 258 -24.09 24.88 14.47
C GLY A 258 -24.54 23.56 15.02
N LYS A 259 -25.41 22.90 14.26
CA LYS A 259 -25.91 21.59 14.62
C LYS A 259 -24.82 20.55 14.43
N PRO A 260 -24.95 19.37 15.07
CA PRO A 260 -23.83 18.40 15.04
C PRO A 260 -23.29 18.10 13.66
N GLN A 261 -24.15 17.90 12.66
CA GLN A 261 -23.62 17.55 11.34
C GLN A 261 -22.99 18.75 10.66
N GLU A 262 -23.47 19.96 10.96
CA GLU A 262 -22.83 21.16 10.43
C GLU A 262 -21.45 21.37 11.03
N ARG A 263 -21.31 21.14 12.34
CA ARG A 263 -20.00 21.22 12.97
C ARG A 263 -19.06 20.17 12.39
N GLN A 264 -19.58 18.96 12.13
CA GLN A 264 -18.77 17.91 11.53
C GLN A 264 -18.24 18.33 10.16
N ARG A 265 -19.08 19.01 9.37
CA ARG A 265 -18.66 19.45 8.04
C ARG A 265 -17.60 20.55 8.12
N GLN A 266 -17.74 21.46 9.08
CA GLN A 266 -16.72 22.50 9.25
C GLN A 266 -15.38 21.89 9.61
N TRP A 267 -15.38 20.87 10.47
CA TRP A 267 -14.11 20.24 10.83
C TRP A 267 -13.46 19.59 9.61
N ILE A 268 -14.27 18.95 8.76
CA ILE A 268 -13.74 18.33 7.55
C ILE A 268 -13.06 19.38 6.67
N GLN A 269 -13.67 20.56 6.55
CA GLN A 269 -13.08 21.62 5.75
C GLN A 269 -11.76 22.10 6.35
N ILE A 270 -11.72 22.29 7.67
CA ILE A 270 -10.50 22.69 8.36
C ILE A 270 -9.42 21.63 8.19
N SER A 271 -9.77 20.37 8.38
CA SER A 271 -8.80 19.28 8.28
C SER A 271 -8.17 19.24 6.90
N ASP A 272 -8.99 19.38 5.85
CA ASP A 272 -8.44 19.36 4.49
C ASP A 272 -7.44 20.49 4.27
N ALA A 273 -7.76 21.69 4.78
CA ALA A 273 -6.86 22.82 4.63
C ALA A 273 -5.54 22.57 5.36
N VAL A 274 -5.60 22.00 6.56
CA VAL A 274 -4.37 21.69 7.28
C VAL A 274 -3.61 20.58 6.56
N TYR A 275 -4.32 19.58 6.04
CA TYR A 275 -3.66 18.52 5.29
C TYR A 275 -2.85 19.08 4.12
N HIS A 276 -3.42 20.06 3.39
CA HIS A 276 -2.71 20.66 2.26
C HIS A 276 -1.44 21.39 2.71
N MET A 277 -1.56 22.17 3.79
CA MET A 277 -0.41 22.89 4.35
C MET A 277 0.69 21.94 4.77
N VAL A 278 0.30 20.87 5.49
CA VAL A 278 1.25 19.86 5.94
C VAL A 278 1.92 19.18 4.73
N TYR A 279 1.10 18.81 3.73
CA TYR A 279 1.65 18.12 2.56
C TYR A 279 2.74 18.93 1.90
N GLU A 280 2.50 20.23 1.69
CA GLU A 280 3.51 21.03 1.02
C GLU A 280 4.77 21.18 1.88
N GLN A 281 4.60 21.33 3.19
CA GLN A 281 5.75 21.44 4.07
C GLN A 281 6.55 20.13 4.11
N ALA A 282 5.85 19.00 4.20
CA ALA A 282 6.52 17.71 4.23
C ALA A 282 7.24 17.43 2.91
N LYS A 283 6.63 17.84 1.79
CA LYS A 283 7.26 17.63 0.49
C LYS A 283 8.59 18.35 0.42
N ALA A 284 8.61 19.62 0.83
CA ALA A 284 9.84 20.41 0.80
C ALA A 284 10.90 19.80 1.70
N ARG A 285 10.53 19.46 2.94
CA ARG A 285 11.51 18.95 3.90
C ARG A 285 12.05 17.58 3.47
N PHE A 286 11.17 16.69 3.02
CA PHE A 286 11.61 15.34 2.66
C PHE A 286 12.48 15.36 1.42
N GLU A 287 12.07 16.10 0.38
CA GLU A 287 12.84 16.11 -0.86
C GLU A 287 14.22 16.71 -0.63
N GLU A 288 14.34 17.65 0.31
CA GLU A 288 15.64 18.20 0.66
C GLU A 288 16.56 17.10 1.21
N VAL A 289 16.04 16.30 2.13
CA VAL A 289 16.87 15.27 2.76
C VAL A 289 17.16 14.14 1.78
N LEU A 290 16.18 13.78 0.93
CA LEU A 290 16.39 12.73 -0.05
C LEU A 290 17.53 13.10 -0.99
N SER A 291 17.56 14.36 -1.44
CA SER A 291 18.66 14.84 -2.26
C SER A 291 19.98 14.78 -1.50
N LYS A 292 19.97 15.09 -0.22
CA LYS A 292 21.20 15.07 0.57
C LYS A 292 21.73 13.64 0.72
N VAL A 293 20.84 12.67 0.99
CA VAL A 293 21.34 11.31 1.15
C VAL A 293 21.80 10.73 -0.18
N GLN A 294 21.14 11.09 -1.29
CA GLN A 294 21.54 10.55 -2.58
C GLN A 294 22.92 11.08 -2.99
N GLN A 295 23.30 12.27 -2.50
CA GLN A 295 24.61 12.82 -2.80
C GLN A 295 25.73 12.02 -2.14
N VAL A 296 25.52 11.56 -0.90
CA VAL A 296 26.56 10.80 -0.23
C VAL A 296 26.43 9.30 -0.41
N GLN A 297 25.37 8.82 -1.07
CA GLN A 297 25.19 7.37 -1.23
C GLN A 297 26.38 6.71 -1.93
N PRO A 298 26.96 7.27 -3.00
CA PRO A 298 28.13 6.60 -3.59
C PRO A 298 29.29 6.43 -2.61
N ALA A 299 29.58 7.45 -1.81
CA ALA A 299 30.63 7.32 -0.80
C ALA A 299 30.32 6.19 0.16
N MET A 300 29.05 6.09 0.59
CA MET A 300 28.64 5.00 1.48
C MET A 300 28.81 3.64 0.82
N GLN A 301 28.45 3.53 -0.47
CA GLN A 301 28.60 2.27 -1.19
C GLN A 301 30.06 1.82 -1.18
N ALA A 302 30.99 2.75 -1.35
CA ALA A 302 32.40 2.38 -1.39
C ALA A 302 32.85 1.81 -0.05
N VAL A 303 32.39 2.41 1.06
CA VAL A 303 32.78 1.92 2.38
C VAL A 303 32.16 0.54 2.63
N ILE A 304 30.87 0.38 2.27
CA ILE A 304 30.20 -0.91 2.45
C ILE A 304 30.89 -2.01 1.65
N ARG A 305 31.23 -1.72 0.39
CA ARG A 305 31.85 -2.73 -0.46
C ARG A 305 33.22 -3.11 0.06
N THR A 306 34.00 -2.13 0.50
CA THR A 306 35.35 -2.39 0.99
C THR A 306 35.33 -3.11 2.34
N ASP A 307 34.47 -2.66 3.25
CA ASP A 307 34.50 -3.10 4.64
C ASP A 307 33.42 -4.12 4.98
N MET A 308 32.75 -4.67 3.97
CA MET A 308 31.64 -5.60 4.13
C MET A 308 31.87 -6.64 5.23
N ASP A 309 32.98 -7.37 5.17
CA ASP A 309 33.20 -8.46 6.12
C ASP A 309 33.37 -7.93 7.54
N GLN A 310 34.00 -6.76 7.69
CA GLN A 310 34.20 -6.19 9.02
C GLN A 310 32.89 -5.64 9.59
N ILE A 311 32.04 -5.08 8.72
CA ILE A 311 30.72 -4.63 9.16
C ILE A 311 29.89 -5.82 9.64
N ILE A 312 29.91 -6.92 8.90
CA ILE A 312 29.16 -8.11 9.31
C ILE A 312 29.66 -8.62 10.66
N THR A 313 30.98 -8.66 10.83
CA THR A 313 31.56 -9.09 12.09
C THR A 313 31.13 -8.20 13.25
N SER A 314 31.15 -6.88 13.02
CA SER A 314 30.76 -5.95 14.07
C SER A 314 29.28 -6.09 14.38
N LYS A 315 28.45 -6.25 13.35
CA LYS A 315 27.02 -6.46 13.54
C LYS A 315 26.76 -7.73 14.37
N GLU A 316 27.48 -8.81 14.07
CA GLU A 316 27.29 -10.06 14.79
C GLU A 316 27.76 -9.96 16.24
N HIS A 317 28.82 -9.20 16.49
CA HIS A 317 29.27 -9.01 17.87
C HIS A 317 28.23 -8.25 18.68
N LEU A 318 27.68 -7.18 18.12
CA LEU A 318 26.60 -6.46 18.78
C LEU A 318 25.41 -7.38 19.03
N ALA A 319 25.03 -8.15 18.02
CA ALA A 319 23.88 -9.04 18.16
C ALA A 319 24.10 -10.03 19.30
N SER A 320 25.34 -10.53 19.43
CA SER A 320 25.62 -11.52 20.47
C SER A 320 25.40 -10.95 21.85
N LYS A 321 25.76 -9.67 22.05
CA LYS A 321 25.58 -9.02 23.35
C LYS A 321 24.11 -8.73 23.61
N ILE A 322 23.37 -8.37 22.57
CA ILE A 322 21.93 -8.14 22.72
C ILE A 322 21.20 -9.45 23.02
N ARG A 323 21.57 -10.51 22.29
CA ARG A 323 21.01 -11.84 22.53
C ARG A 323 21.17 -12.26 23.98
N ALA A 324 22.40 -12.16 24.50
CA ALA A 324 22.67 -12.50 25.89
C ALA A 324 21.70 -11.79 26.83
N PHE A 325 21.31 -10.56 26.48
CA PHE A 325 20.48 -9.74 27.34
C PHE A 325 19.00 -10.08 27.23
N ILE A 326 18.50 -10.29 26.01
CA ILE A 326 17.06 -10.33 25.79
C ILE A 326 16.54 -11.70 25.35
N LEU A 327 17.40 -12.60 24.85
CA LEU A 327 16.90 -13.84 24.28
C LEU A 327 16.06 -14.67 25.25
N PRO A 328 16.45 -14.86 26.53
CA PRO A 328 15.58 -15.64 27.43
C PRO A 328 14.15 -15.14 27.50
N LYS A 329 13.97 -13.85 27.78
CA LYS A 329 12.63 -13.28 27.90
C LYS A 329 11.89 -13.30 26.56
N ALA A 330 12.61 -13.07 25.46
CA ALA A 330 11.97 -13.09 24.15
C ALA A 330 11.44 -14.49 23.83
N GLU A 331 12.25 -15.52 24.08
CA GLU A 331 11.84 -16.88 23.74
C GLU A 331 10.63 -17.30 24.57
N VAL A 332 10.58 -16.89 25.84
CA VAL A 332 9.43 -17.21 26.67
C VAL A 332 8.18 -16.53 26.11
N CYS A 333 8.33 -15.27 25.66
CA CYS A 333 7.17 -14.54 25.18
C CYS A 333 6.65 -15.14 23.88
N VAL A 334 7.55 -15.58 23.01
CA VAL A 334 7.12 -16.26 21.79
C VAL A 334 6.42 -17.58 22.12
N ARG A 335 7.00 -18.37 23.02
CA ARG A 335 6.44 -19.68 23.32
C ARG A 335 5.05 -19.55 23.92
N ASN A 336 4.87 -18.58 24.82
CA ASN A 336 3.63 -18.47 25.57
C ASN A 336 2.56 -17.66 24.85
N HIS A 337 2.96 -16.67 24.04
CA HIS A 337 2.02 -15.66 23.58
C HIS A 337 1.97 -15.47 22.07
N VAL A 338 2.85 -16.11 21.30
CA VAL A 338 2.85 -15.95 19.84
C VAL A 338 2.67 -17.31 19.19
N GLN A 339 3.59 -18.22 19.47
CA GLN A 339 3.57 -19.55 18.86
C GLN A 339 2.18 -20.21 18.87
N PRO A 340 1.38 -20.15 19.94
CA PRO A 340 0.09 -20.85 19.92
C PRO A 340 -0.87 -20.32 18.88
N TYR A 341 -0.69 -19.08 18.44
CA TYR A 341 -1.69 -18.42 17.60
C TYR A 341 -1.26 -18.30 16.14
N ILE A 342 -0.01 -18.61 15.82
CA ILE A 342 0.46 -18.53 14.43
C ILE A 342 -0.35 -19.39 13.48
N PRO A 343 -0.70 -20.65 13.82
CA PRO A 343 -1.49 -21.43 12.86
C PRO A 343 -2.84 -20.81 12.51
N SER A 344 -3.55 -20.29 13.50
CA SER A 344 -4.86 -19.70 13.24
C SER A 344 -4.76 -18.46 12.38
N ILE A 345 -3.79 -17.59 12.68
CA ILE A 345 -3.62 -16.37 11.89
C ILE A 345 -3.25 -16.72 10.45
N LEU A 346 -2.34 -17.67 10.28
CA LEU A 346 -1.95 -18.11 8.95
C LEU A 346 -3.15 -18.67 8.19
N GLU A 347 -3.99 -19.48 8.86
CA GLU A 347 -5.17 -20.03 8.21
C GLU A 347 -6.10 -18.93 7.74
N ALA A 348 -6.30 -17.90 8.56
CA ALA A 348 -7.19 -16.81 8.18
C ALA A 348 -6.68 -16.08 6.95
N LEU A 349 -5.36 -15.97 6.80
CA LEU A 349 -4.80 -15.26 5.66
C LEU A 349 -4.74 -16.14 4.42
N MET A 350 -4.49 -17.43 4.62
CA MET A 350 -4.20 -18.32 3.50
C MET A 350 -5.41 -18.55 2.63
N VAL A 351 -6.56 -18.75 3.25
CA VAL A 351 -7.75 -19.22 2.53
C VAL A 351 -8.18 -18.18 1.49
N PRO A 352 -8.48 -16.94 1.86
CA PRO A 352 -8.90 -15.99 0.82
C PRO A 352 -7.79 -15.67 -0.17
N THR A 353 -6.54 -15.56 0.31
CA THR A 353 -5.43 -15.26 -0.59
C THR A 353 -5.28 -16.31 -1.66
N SER A 354 -5.33 -17.58 -1.27
CA SER A 354 -5.17 -18.67 -2.23
C SER A 354 -6.35 -18.77 -3.17
N GLN A 355 -7.57 -18.51 -2.67
CA GLN A 355 -8.72 -18.42 -3.56
C GLN A 355 -8.51 -17.33 -4.60
N GLY A 356 -7.94 -16.19 -4.18
CA GLY A 356 -7.74 -15.10 -5.12
C GLY A 356 -6.73 -15.43 -6.21
N PHE A 357 -5.62 -16.06 -5.82
CA PHE A 357 -4.61 -16.43 -6.83
C PHE A 357 -5.14 -17.50 -7.77
N THR A 358 -5.94 -18.43 -7.25
CA THR A 358 -6.58 -19.42 -8.12
C THR A 358 -7.59 -18.76 -9.07
N GLU A 359 -8.33 -17.76 -8.58
CA GLU A 359 -9.26 -17.04 -9.46
C GLU A 359 -8.52 -16.29 -10.56
N VAL A 360 -7.36 -15.69 -10.25
CA VAL A 360 -6.55 -15.08 -11.29
C VAL A 360 -6.21 -16.10 -12.37
N ARG A 361 -5.79 -17.30 -11.94
CA ARG A 361 -5.47 -18.37 -12.88
C ARG A 361 -6.68 -18.71 -13.75
N ASP A 362 -7.85 -18.83 -13.13
CA ASP A 362 -9.05 -19.20 -13.87
C ASP A 362 -9.45 -18.12 -14.86
N VAL A 363 -9.33 -16.85 -14.46
CA VAL A 363 -9.66 -15.75 -15.37
C VAL A 363 -8.68 -15.72 -16.53
N PHE A 364 -7.39 -15.94 -16.24
CA PHE A 364 -6.37 -15.98 -17.28
C PHE A 364 -6.66 -17.09 -18.28
N PHE A 365 -6.94 -18.29 -17.75
CA PHE A 365 -7.24 -19.45 -18.59
C PHE A 365 -8.44 -19.20 -19.49
N LYS A 366 -9.50 -18.58 -18.94
CA LYS A 366 -10.70 -18.30 -19.73
C LYS A 366 -10.41 -17.30 -20.83
N GLU A 367 -9.63 -16.25 -20.54
CA GLU A 367 -9.39 -15.21 -21.53
C GLU A 367 -8.53 -15.75 -22.67
N VAL A 368 -7.54 -16.59 -22.35
CA VAL A 368 -6.72 -17.19 -23.40
C VAL A 368 -7.56 -18.12 -24.25
N THR A 369 -8.44 -18.90 -23.61
CA THR A 369 -9.32 -19.80 -24.36
C THR A 369 -10.28 -19.03 -25.24
N ASP A 370 -10.84 -17.93 -24.72
CA ASP A 370 -11.71 -17.09 -25.53
C ASP A 370 -10.96 -16.56 -26.75
N MET A 371 -9.68 -16.19 -26.59
CA MET A 371 -8.88 -15.82 -27.75
C MET A 371 -8.70 -17.00 -28.70
N ASN A 372 -8.45 -18.19 -28.15
CA ASN A 372 -8.26 -19.38 -28.97
C ASN A 372 -9.51 -19.67 -29.79
N LEU A 373 -10.69 -19.52 -29.19
CA LEU A 373 -11.94 -19.70 -29.91
C LEU A 373 -12.05 -18.73 -31.09
N ASN A 374 -11.54 -17.51 -30.92
CA ASN A 374 -11.61 -16.54 -32.01
C ASN A 374 -10.72 -16.98 -33.17
N VAL A 375 -9.55 -17.54 -32.88
CA VAL A 375 -8.67 -17.99 -33.95
C VAL A 375 -9.31 -19.12 -34.74
N ILE A 376 -9.95 -20.06 -34.04
CA ILE A 376 -10.63 -21.16 -34.72
C ILE A 376 -11.77 -20.62 -35.58
N ASN A 377 -12.48 -19.60 -35.09
CA ASN A 377 -13.62 -19.07 -35.83
C ASN A 377 -13.20 -18.33 -37.09
N GLU A 378 -12.13 -17.53 -37.00
CA GLU A 378 -11.60 -16.93 -38.22
C GLU A 378 -10.67 -17.88 -38.97
N GLY A 379 -10.32 -19.01 -38.36
CA GLY A 379 -9.44 -19.97 -39.02
C GLY A 379 -8.12 -19.36 -39.43
N GLY A 380 -7.65 -18.38 -38.69
CA GLY A 380 -6.51 -17.62 -39.15
C GLY A 380 -5.79 -16.88 -38.06
N ILE A 381 -4.61 -16.39 -38.43
CA ILE A 381 -3.69 -15.68 -37.54
C ILE A 381 -3.85 -14.18 -37.64
N ASP A 382 -4.67 -13.68 -38.57
CA ASP A 382 -4.54 -12.32 -39.05
C ASP A 382 -5.08 -11.29 -38.08
N LYS A 383 -5.96 -11.68 -37.15
CA LYS A 383 -6.48 -10.76 -36.16
C LYS A 383 -5.83 -10.94 -34.79
N LEU A 384 -4.71 -11.67 -34.74
CA LEU A 384 -4.05 -11.96 -33.47
C LEU A 384 -3.63 -10.69 -32.75
N GLY A 385 -3.06 -9.72 -33.48
CA GLY A 385 -2.64 -8.47 -32.85
C GLY A 385 -3.78 -7.76 -32.15
N GLU A 386 -4.98 -7.84 -32.72
CA GLU A 386 -6.15 -7.24 -32.08
C GLU A 386 -6.52 -7.97 -30.80
N TYR A 387 -6.45 -9.31 -30.82
CA TYR A 387 -6.80 -10.06 -29.62
C TYR A 387 -5.72 -9.97 -28.55
N MET A 388 -4.44 -9.96 -28.98
CA MET A 388 -3.35 -9.84 -28.02
C MET A 388 -3.34 -8.48 -27.35
N GLU A 389 -3.77 -7.44 -28.06
CA GLU A 389 -3.82 -6.10 -27.46
C GLU A 389 -4.82 -6.06 -26.32
N LYS A 390 -5.96 -6.74 -26.48
CA LYS A 390 -6.95 -6.78 -25.40
C LYS A 390 -6.46 -7.65 -24.25
N LEU A 391 -5.84 -8.79 -24.56
CA LEU A 391 -5.33 -9.66 -23.51
C LEU A 391 -4.21 -8.99 -22.73
N SER A 392 -3.40 -8.16 -23.42
CA SER A 392 -2.25 -7.52 -22.78
C SER A 392 -2.67 -6.65 -21.61
N ARG A 393 -3.93 -6.19 -21.58
CA ARG A 393 -4.42 -5.27 -20.58
C ARG A 393 -5.26 -5.93 -19.50
N LEU A 394 -5.32 -7.28 -19.50
CA LEU A 394 -6.24 -8.01 -18.63
C LEU A 394 -6.04 -7.64 -17.16
N ALA A 395 -4.78 -7.48 -16.72
CA ALA A 395 -4.55 -7.25 -15.30
C ALA A 395 -5.17 -5.94 -14.82
N TYR A 396 -5.53 -5.04 -15.73
CA TYR A 396 -6.12 -3.76 -15.38
C TYR A 396 -7.56 -3.63 -15.81
N HIS A 397 -8.19 -4.73 -16.23
CA HIS A 397 -9.57 -4.67 -16.71
C HIS A 397 -10.48 -4.36 -15.54
N PRO A 398 -11.27 -3.29 -15.59
CA PRO A 398 -12.05 -2.88 -14.40
C PRO A 398 -13.14 -3.86 -14.03
N LEU A 399 -13.58 -4.73 -14.93
CA LEU A 399 -14.56 -5.76 -14.57
C LEU A 399 -13.90 -7.11 -14.33
N LYS A 400 -13.03 -7.55 -15.24
CA LYS A 400 -12.61 -8.94 -15.25
C LYS A 400 -11.75 -9.29 -14.04
N MET A 401 -11.03 -8.32 -13.47
CA MET A 401 -10.24 -8.60 -12.28
C MET A 401 -11.07 -8.61 -11.00
N GLN A 402 -12.31 -8.12 -11.03
CA GLN A 402 -13.04 -7.89 -9.79
C GLN A 402 -13.32 -9.20 -9.05
N SER A 403 -13.60 -10.28 -9.78
CA SER A 403 -13.88 -11.56 -9.12
C SER A 403 -12.65 -12.08 -8.38
N CYS A 404 -11.44 -11.71 -8.83
CA CYS A 404 -10.23 -12.08 -8.10
C CYS A 404 -10.11 -11.25 -6.82
N TYR A 405 -10.23 -9.93 -6.95
CA TYR A 405 -10.08 -9.04 -5.80
C TYR A 405 -11.12 -9.36 -4.73
N GLU A 406 -12.34 -9.72 -5.16
CA GLU A 406 -13.43 -10.01 -4.24
C GLU A 406 -13.11 -11.15 -3.27
N LYS A 407 -12.20 -12.05 -3.67
CA LYS A 407 -11.87 -13.18 -2.80
C LYS A 407 -11.27 -12.71 -1.48
N MET A 408 -10.68 -11.52 -1.44
CA MET A 408 -10.06 -11.04 -0.21
C MET A 408 -11.04 -10.40 0.76
N GLU A 409 -12.26 -10.08 0.33
CA GLU A 409 -13.13 -9.32 1.23
C GLU A 409 -13.65 -10.15 2.38
N SER A 410 -13.51 -11.47 2.34
CA SER A 410 -13.84 -12.29 3.50
C SER A 410 -12.70 -12.37 4.52
N LEU A 411 -11.56 -11.73 4.25
CA LEU A 411 -10.44 -11.79 5.19
C LEU A 411 -10.81 -11.14 6.50
N ARG A 412 -10.54 -11.84 7.61
CA ARG A 412 -10.66 -11.27 8.94
C ARG A 412 -9.52 -11.82 9.80
N LEU A 413 -8.66 -10.93 10.29
CA LEU A 413 -7.47 -11.31 11.03
C LEU A 413 -7.58 -10.83 12.46
N ASP A 414 -7.25 -11.70 13.41
CA ASP A 414 -7.07 -11.29 14.79
C ASP A 414 -5.66 -10.77 15.01
N GLY A 415 -5.52 -9.84 15.94
CA GLY A 415 -4.21 -9.49 16.45
C GLY A 415 -3.80 -10.46 17.53
N LEU A 416 -2.68 -10.15 18.18
CA LEU A 416 -2.17 -11.00 19.23
C LEU A 416 -2.72 -10.64 20.61
N GLN A 417 -3.77 -9.83 20.67
CA GLN A 417 -4.65 -9.79 21.81
C GLN A 417 -5.88 -10.67 21.60
N GLN A 418 -5.86 -11.52 20.57
CA GLN A 418 -6.95 -12.43 20.19
C GLN A 418 -8.24 -11.67 19.91
N ARG A 419 -8.10 -10.56 19.20
CA ARG A 419 -9.21 -9.67 18.84
C ARG A 419 -9.03 -9.25 17.39
N PHE A 420 -10.15 -9.06 16.69
CA PHE A 420 -10.14 -8.55 15.33
C PHE A 420 -9.26 -7.32 15.20
N ASP A 421 -8.31 -7.37 14.26
CA ASP A 421 -7.37 -6.29 14.01
C ASP A 421 -7.79 -5.63 12.70
N VAL A 422 -8.41 -4.46 12.81
CA VAL A 422 -8.94 -3.79 11.61
C VAL A 422 -7.80 -3.39 10.68
N SER A 423 -6.72 -2.86 11.25
CA SER A 423 -5.65 -2.30 10.43
C SER A 423 -4.92 -3.37 9.65
N SER A 424 -4.53 -4.46 10.32
CA SER A 424 -3.85 -5.56 9.65
C SER A 424 -4.70 -6.11 8.52
N THR A 425 -6.00 -6.28 8.78
CA THR A 425 -6.89 -6.81 7.75
C THR A 425 -6.93 -5.91 6.52
N SER A 426 -7.10 -4.60 6.74
CA SER A 426 -7.15 -3.66 5.62
C SER A 426 -5.85 -3.69 4.81
N VAL A 427 -4.71 -3.54 5.50
CA VAL A 427 -3.43 -3.48 4.80
C VAL A 427 -3.18 -4.76 4.02
N PHE A 428 -3.50 -5.91 4.60
CA PHE A 428 -3.13 -7.17 3.96
C PHE A 428 -4.09 -7.55 2.84
N LYS A 429 -5.33 -7.04 2.87
CA LYS A 429 -6.17 -7.17 1.68
C LYS A 429 -5.62 -6.35 0.52
N GLN A 430 -5.17 -5.13 0.80
CA GLN A 430 -4.60 -4.28 -0.24
C GLN A 430 -3.36 -4.92 -0.83
N ARG A 431 -2.46 -5.41 0.01
CA ARG A 431 -1.22 -6.01 -0.49
C ARG A 431 -1.50 -7.28 -1.28
N ALA A 432 -2.41 -8.13 -0.80
CA ALA A 432 -2.74 -9.35 -1.53
C ALA A 432 -3.30 -9.02 -2.92
N GLN A 433 -4.15 -7.99 -3.02
CA GLN A 433 -4.74 -7.65 -4.30
C GLN A 433 -3.71 -7.10 -5.26
N ILE A 434 -2.75 -6.31 -4.76
CA ILE A 434 -1.69 -5.81 -5.63
C ILE A 434 -0.86 -6.96 -6.18
N HIS A 435 -0.55 -7.96 -5.34
CA HIS A 435 0.16 -9.14 -5.82
C HIS A 435 -0.64 -9.85 -6.91
N MET A 436 -1.97 -9.93 -6.74
CA MET A 436 -2.78 -10.59 -7.76
C MET A 436 -2.69 -9.85 -9.09
N ARG A 437 -2.71 -8.52 -9.05
CA ARG A 437 -2.59 -7.74 -10.27
C ARG A 437 -1.24 -7.97 -10.92
N GLU A 438 -0.18 -7.99 -10.12
CA GLU A 438 1.17 -8.23 -10.65
C GLU A 438 1.24 -9.61 -11.31
N GLN A 439 0.72 -10.64 -10.66
CA GLN A 439 0.85 -11.98 -11.20
C GLN A 439 0.01 -12.16 -12.45
N MET A 440 -1.14 -11.49 -12.52
CA MET A 440 -1.91 -11.52 -13.77
C MET A 440 -1.17 -10.82 -14.90
N ASP A 441 -0.58 -9.65 -14.61
CA ASP A 441 0.17 -8.94 -15.64
C ASP A 441 1.36 -9.77 -16.11
N ASN A 442 2.04 -10.43 -15.18
CA ASN A 442 3.16 -11.28 -15.56
C ASN A 442 2.69 -12.44 -16.45
N ALA A 443 1.52 -12.99 -16.15
CA ALA A 443 1.02 -14.13 -16.92
C ALA A 443 0.72 -13.72 -18.35
N VAL A 444 0.04 -12.58 -18.53
CA VAL A 444 -0.31 -12.18 -19.89
C VAL A 444 0.92 -11.68 -20.64
N TYR A 445 1.84 -10.99 -19.95
CA TYR A 445 3.08 -10.57 -20.61
C TYR A 445 3.88 -11.79 -21.07
N THR A 446 4.03 -12.77 -20.18
CA THR A 446 4.74 -14.00 -20.53
C THR A 446 4.05 -14.71 -21.69
N PHE A 447 2.72 -14.82 -21.64
CA PHE A 447 1.99 -15.48 -22.71
C PHE A 447 2.23 -14.79 -24.05
N GLU A 448 2.17 -13.46 -24.07
CA GLU A 448 2.39 -12.71 -25.31
C GLU A 448 3.81 -12.95 -25.83
N THR A 449 4.79 -12.82 -24.95
CA THR A 449 6.19 -12.97 -25.37
C THR A 449 6.46 -14.37 -25.89
N LEU A 450 5.98 -15.39 -25.18
CA LEU A 450 6.26 -16.76 -25.58
C LEU A 450 5.48 -17.14 -26.83
N LEU A 451 4.25 -16.63 -26.98
CA LEU A 451 3.48 -16.92 -28.19
C LEU A 451 4.15 -16.32 -29.42
N HIS A 452 4.65 -15.09 -29.31
CA HIS A 452 5.33 -14.48 -30.44
C HIS A 452 6.56 -15.30 -30.83
N GLN A 453 7.31 -15.78 -29.84
CA GLN A 453 8.43 -16.69 -30.10
C GLN A 453 7.97 -17.94 -30.85
N GLU A 454 6.93 -18.59 -30.32
CA GLU A 454 6.42 -19.82 -30.93
C GLU A 454 5.97 -19.60 -32.36
N LEU A 455 5.37 -18.42 -32.63
CA LEU A 455 4.82 -18.14 -33.94
C LEU A 455 5.89 -17.91 -34.99
N GLY A 456 7.14 -17.66 -34.58
CA GLY A 456 8.22 -17.62 -35.55
C GLY A 456 8.45 -18.95 -36.22
N LYS A 457 7.84 -20.02 -35.71
CA LYS A 457 7.89 -21.32 -36.37
C LYS A 457 7.06 -21.31 -37.66
N GLY A 458 5.92 -20.62 -37.66
CA GLY A 458 5.10 -20.46 -38.84
C GLY A 458 3.61 -20.62 -38.57
N PRO A 459 2.76 -20.12 -39.49
CA PRO A 459 1.31 -20.11 -39.22
C PRO A 459 0.69 -21.49 -39.01
N THR A 460 1.07 -22.49 -39.80
CA THR A 460 0.54 -23.84 -39.57
C THR A 460 1.61 -24.85 -39.94
N LYS A 461 2.69 -24.86 -39.15
CA LYS A 461 3.48 -26.07 -39.00
C LYS A 461 2.64 -27.14 -38.34
N GLU A 462 1.86 -26.74 -37.34
CA GLU A 462 0.64 -27.41 -36.91
C GLU A 462 -0.37 -26.30 -36.63
N GLU A 463 -1.63 -26.68 -36.44
CA GLU A 463 -2.69 -25.70 -36.27
C GLU A 463 -2.33 -24.72 -35.15
N LEU A 464 -2.73 -23.46 -35.34
CA LEU A 464 -2.35 -22.42 -34.38
C LEU A 464 -2.90 -22.72 -32.99
N CYS A 465 -4.11 -23.28 -32.90
CA CYS A 465 -4.71 -23.52 -31.60
C CYS A 465 -3.97 -24.58 -30.81
N LYS A 466 -3.08 -25.34 -31.45
CA LYS A 466 -2.26 -26.28 -30.70
C LYS A 466 -1.06 -25.59 -30.06
N SER A 467 -0.45 -24.64 -30.75
CA SER A 467 0.65 -23.90 -30.16
C SER A 467 0.15 -22.92 -29.11
N ILE A 468 -1.01 -22.29 -29.36
CA ILE A 468 -1.62 -21.46 -28.33
C ILE A 468 -1.85 -22.27 -27.04
N GLN A 469 -2.47 -23.44 -27.19
CA GLN A 469 -2.73 -24.26 -26.00
C GLN A 469 -1.45 -24.78 -25.38
N ARG A 470 -0.39 -24.99 -26.16
CA ARG A 470 0.87 -25.43 -25.58
C ARG A 470 1.60 -24.29 -24.88
N VAL A 471 1.56 -23.10 -25.48
CA VAL A 471 2.11 -21.93 -24.80
C VAL A 471 1.34 -21.64 -23.52
N LEU A 472 0.02 -21.79 -23.57
CA LEU A 472 -0.82 -21.58 -22.39
C LEU A 472 -0.44 -22.56 -21.29
N GLU A 473 -0.26 -23.84 -21.64
CA GLU A 473 0.09 -24.84 -20.64
C GLU A 473 1.46 -24.54 -20.03
N ARG A 474 2.39 -24.00 -20.83
CA ARG A 474 3.69 -23.62 -20.30
C ARG A 474 3.58 -22.44 -19.33
N VAL A 475 2.74 -21.46 -19.67
CA VAL A 475 2.60 -20.29 -18.81
C VAL A 475 1.90 -20.67 -17.52
N LEU A 476 0.93 -21.59 -17.59
CA LEU A 476 0.24 -22.04 -16.38
C LEU A 476 1.21 -22.71 -15.40
N LYS A 477 2.18 -23.48 -15.90
CA LYS A 477 3.13 -24.10 -14.98
C LYS A 477 4.05 -23.05 -14.35
N LYS A 478 4.48 -22.06 -15.14
CA LYS A 478 5.24 -20.96 -14.55
C LYS A 478 4.39 -20.19 -13.55
N TYR A 479 3.10 -19.98 -13.87
CA TYR A 479 2.22 -19.28 -12.95
C TYR A 479 2.11 -20.01 -11.62
N ASP A 480 1.89 -21.33 -11.67
CA ASP A 480 1.68 -22.10 -10.44
C ASP A 480 2.91 -22.07 -9.56
N TYR A 481 4.10 -22.10 -10.15
CA TYR A 481 5.33 -21.99 -9.38
C TYR A 481 5.44 -20.61 -8.73
N ASP A 482 5.24 -19.56 -9.52
CA ASP A 482 5.41 -18.21 -8.99
C ASP A 482 4.36 -17.88 -7.95
N SER A 483 3.13 -18.36 -8.16
CA SER A 483 2.05 -18.13 -7.20
C SER A 483 2.41 -18.66 -5.82
N SER A 484 3.00 -19.87 -5.78
CA SER A 484 3.40 -20.45 -4.50
C SER A 484 4.56 -19.68 -3.89
N SER A 485 5.52 -19.25 -4.72
CA SER A 485 6.62 -18.43 -4.22
C SER A 485 6.10 -17.12 -3.62
N VAL A 486 5.23 -16.45 -4.37
CA VAL A 486 4.71 -15.15 -3.94
C VAL A 486 3.87 -15.29 -2.69
N ARG A 487 3.02 -16.31 -2.64
CA ARG A 487 2.16 -16.49 -1.47
C ARG A 487 2.96 -16.85 -0.23
N LYS A 488 3.99 -17.71 -0.35
CA LYS A 488 4.77 -18.06 0.83
C LYS A 488 5.46 -16.82 1.40
N ARG A 489 6.05 -15.99 0.53
CA ARG A 489 6.70 -14.76 0.97
C ARG A 489 5.69 -13.83 1.63
N PHE A 490 4.49 -13.75 1.05
CA PHE A 490 3.45 -12.87 1.58
C PHE A 490 2.99 -13.33 2.95
N PHE A 491 2.79 -14.64 3.13
CA PHE A 491 2.34 -15.15 4.42
C PHE A 491 3.42 -14.96 5.48
N ARG A 492 4.69 -15.20 5.11
CA ARG A 492 5.80 -15.00 6.03
C ARG A 492 5.90 -13.54 6.46
N GLU A 493 5.84 -12.63 5.48
CA GLU A 493 5.88 -11.20 5.75
C GLU A 493 4.74 -10.77 6.67
N ALA A 494 3.52 -11.27 6.40
CA ALA A 494 2.35 -10.85 7.19
C ALA A 494 2.46 -11.37 8.62
N LEU A 495 2.89 -12.62 8.79
CA LEU A 495 3.05 -13.15 10.14
C LEU A 495 4.10 -12.38 10.93
N LEU A 496 5.20 -12.01 10.27
CA LEU A 496 6.23 -11.20 10.92
C LEU A 496 5.69 -9.83 11.30
N GLN A 497 4.90 -9.22 10.41
CA GLN A 497 4.38 -7.88 10.67
C GLN A 497 3.29 -7.86 11.73
N ILE A 498 2.67 -9.00 12.04
CA ILE A 498 1.75 -9.08 13.16
C ILE A 498 2.49 -9.42 14.46
N SER A 499 3.46 -10.32 14.40
CA SER A 499 4.04 -10.85 15.63
C SER A 499 5.15 -9.96 16.20
N ILE A 500 5.98 -9.36 15.36
CA ILE A 500 7.14 -8.64 15.88
C ILE A 500 6.70 -7.37 16.62
N PRO A 501 5.78 -6.55 16.10
CA PRO A 501 5.37 -5.37 16.90
C PRO A 501 4.80 -5.75 18.24
N PHE A 502 4.09 -6.88 18.29
CA PHE A 502 3.59 -7.39 19.56
C PHE A 502 4.73 -7.68 20.53
N LEU A 503 5.74 -8.42 20.07
CA LEU A 503 6.87 -8.76 20.92
C LEU A 503 7.64 -7.53 21.37
N LEU A 504 7.88 -6.60 20.43
CA LEU A 504 8.64 -5.41 20.79
C LEU A 504 7.92 -4.61 21.85
N LYS A 505 6.60 -4.52 21.77
CA LYS A 505 5.83 -3.80 22.79
C LYS A 505 5.93 -4.50 24.14
N LYS A 506 5.77 -5.82 24.16
CA LYS A 506 5.88 -6.56 25.41
C LYS A 506 7.28 -6.43 26.01
N LEU A 507 8.31 -6.43 25.16
CA LEU A 507 9.68 -6.35 25.64
C LEU A 507 10.14 -4.92 25.94
N ALA A 508 9.35 -3.91 25.60
CA ALA A 508 9.82 -2.53 25.73
C ALA A 508 10.19 -2.14 27.16
N PRO A 509 9.43 -2.51 28.21
CA PRO A 509 9.87 -2.14 29.57
C PRO A 509 11.22 -2.72 29.93
N THR A 510 11.57 -3.88 29.37
CA THR A 510 12.88 -4.46 29.63
C THR A 510 13.97 -3.70 28.90
N CYS A 511 13.74 -3.33 27.65
CA CYS A 511 14.80 -2.96 26.71
C CYS A 511 14.99 -1.47 26.49
N LYS A 512 13.91 -0.68 26.44
CA LYS A 512 14.03 0.66 25.88
C LYS A 512 15.00 1.52 26.66
N SER A 513 15.08 1.32 27.98
CA SER A 513 16.03 2.08 28.78
C SER A 513 17.45 1.54 28.65
N GLU A 514 17.59 0.26 28.29
CA GLU A 514 18.86 -0.44 28.35
C GLU A 514 19.62 -0.47 27.03
N LEU A 515 18.90 -0.49 25.91
CA LEU A 515 19.54 -0.60 24.60
C LEU A 515 20.61 0.46 24.33
N PRO A 516 20.46 1.74 24.70
CA PRO A 516 21.52 2.70 24.38
C PRO A 516 22.87 2.34 24.96
N ARG A 517 22.92 1.51 26.01
CA ARG A 517 24.20 1.11 26.57
C ARG A 517 25.03 0.30 25.59
N PHE A 518 24.40 -0.29 24.57
CA PHE A 518 25.11 -1.07 23.56
C PHE A 518 25.71 -0.21 22.45
N GLN A 519 25.43 1.10 22.42
CA GLN A 519 25.95 1.94 21.34
C GLN A 519 27.47 1.91 21.31
N GLU A 520 28.10 1.82 22.48
CA GLU A 520 29.55 1.92 22.58
C GLU A 520 30.27 0.77 21.88
N LEU A 521 29.55 -0.27 21.49
CA LEU A 521 30.13 -1.42 20.77
C LEU A 521 30.23 -1.19 19.27
N ILE A 522 29.64 -0.13 18.74
CA ILE A 522 29.59 0.11 17.30
C ILE A 522 30.74 1.05 16.93
N PHE A 523 31.67 0.53 16.11
CA PHE A 523 32.74 1.35 15.57
C PHE A 523 32.16 2.56 14.83
N GLU A 524 32.67 3.74 15.15
CA GLU A 524 32.02 4.99 14.72
C GLU A 524 31.94 5.10 13.20
N ASP A 525 32.95 4.61 12.48
CA ASP A 525 32.90 4.64 11.02
C ASP A 525 31.82 3.70 10.45
N PHE A 526 31.25 2.82 11.26
CA PHE A 526 30.20 1.91 10.83
C PHE A 526 28.82 2.32 11.32
N ALA A 527 28.70 3.45 12.00
CA ALA A 527 27.44 3.80 12.66
C ALA A 527 26.33 4.12 11.66
N ARG A 528 26.68 4.49 10.43
CA ARG A 528 25.63 4.68 9.42
C ARG A 528 25.07 3.35 8.93
N PHE A 529 25.75 2.24 9.20
CA PHE A 529 25.34 0.95 8.66
C PHE A 529 24.84 -0.02 9.73
N ILE A 530 25.08 0.31 11.00
CA ILE A 530 24.72 -0.54 12.13
C ILE A 530 24.00 0.32 13.15
N LEU A 531 22.77 -0.06 13.52
CA LEU A 531 22.00 0.61 14.55
C LEU A 531 21.64 -0.37 15.65
N VAL A 532 21.80 0.07 16.90
CA VAL A 532 21.41 -0.78 18.04
C VAL A 532 19.97 -1.26 17.86
N GLU A 533 19.08 -0.34 17.52
CA GLU A 533 17.67 -0.68 17.45
C GLU A 533 17.40 -1.72 16.37
N ASN A 534 17.96 -1.53 15.16
CA ASN A 534 17.74 -2.47 14.07
C ASN A 534 18.33 -3.84 14.38
N THR A 535 19.51 -3.86 15.00
CA THR A 535 20.13 -5.13 15.36
C THR A 535 19.28 -5.85 16.41
N TYR A 536 18.82 -5.11 17.42
CA TYR A 536 17.90 -5.66 18.41
C TYR A 536 16.64 -6.23 17.76
N GLU A 537 16.05 -5.48 16.83
CA GLU A 537 14.84 -5.97 16.17
C GLU A 537 15.12 -7.22 15.34
N GLU A 538 16.31 -7.32 14.75
CA GLU A 538 16.68 -8.54 14.04
C GLU A 538 16.83 -9.72 15.01
N VAL A 539 17.35 -9.47 16.21
CA VAL A 539 17.44 -10.52 17.22
C VAL A 539 16.04 -11.03 17.58
N VAL A 540 15.11 -10.09 17.77
CA VAL A 540 13.73 -10.48 18.09
C VAL A 540 13.11 -11.24 16.93
N LEU A 541 13.33 -10.77 15.70
CA LEU A 541 12.79 -11.44 14.52
C LEU A 541 13.22 -12.90 14.49
N GLN A 542 14.47 -13.18 14.87
CA GLN A 542 14.96 -14.54 14.76
C GLN A 542 14.28 -15.47 15.74
N THR A 543 13.70 -14.94 16.82
CA THR A 543 13.03 -15.80 17.80
C THR A 543 11.69 -16.32 17.29
N VAL A 544 11.05 -15.63 16.35
CA VAL A 544 9.82 -16.16 15.76
C VAL A 544 10.05 -16.88 14.44
N MET A 545 11.26 -16.78 13.87
CA MET A 545 11.47 -17.25 12.51
C MET A 545 11.21 -18.75 12.37
N LYS A 546 11.67 -19.54 13.36
CA LYS A 546 11.46 -20.99 13.29
C LYS A 546 9.97 -21.33 13.27
N ASP A 547 9.23 -20.79 14.23
CA ASP A 547 7.78 -21.05 14.30
C ASP A 547 7.08 -20.61 13.03
N ILE A 548 7.46 -19.45 12.46
CA ILE A 548 6.80 -18.94 11.27
C ILE A 548 7.13 -19.79 10.05
N LEU A 549 8.43 -20.05 9.83
CA LEU A 549 8.80 -20.85 8.66
C LEU A 549 8.23 -22.26 8.77
N GLN A 550 8.13 -22.78 10.00
CA GLN A 550 7.57 -24.12 10.18
C GLN A 550 6.05 -24.11 10.11
N ALA A 551 5.40 -23.05 10.59
CA ALA A 551 3.95 -22.96 10.45
C ALA A 551 3.54 -22.89 8.99
N VAL A 552 4.27 -22.09 8.20
CA VAL A 552 4.03 -22.03 6.76
C VAL A 552 4.50 -23.30 6.10
N LYS A 553 5.44 -23.99 6.73
CA LYS A 553 5.88 -25.28 6.25
C LYS A 553 4.86 -26.37 6.57
N GLU A 554 4.53 -26.54 7.86
CA GLU A 554 3.63 -27.62 8.28
C GLU A 554 2.29 -27.50 7.60
N ALA A 555 1.71 -26.30 7.60
CA ALA A 555 0.56 -26.05 6.75
C ALA A 555 0.87 -26.39 5.30
N ALA A 556 2.06 -26.02 4.82
CA ALA A 556 2.36 -26.04 3.39
C ALA A 556 1.30 -25.22 2.67
N VAL A 557 1.07 -24.04 3.22
CA VAL A 557 0.00 -23.18 2.75
C VAL A 557 0.29 -22.67 1.34
N GLN A 558 1.57 -22.57 0.98
CA GLN A 558 1.97 -22.21 -0.37
C GLN A 558 1.68 -23.32 -1.38
N ARG A 559 1.26 -24.49 -0.90
CA ARG A 559 0.76 -25.58 -1.75
C ARG A 559 1.84 -26.20 -2.64
#